data_3BGD
#
_entry.id   3BGD
#
_cell.length_a   62.890
_cell.length_b   69.780
_cell.length_c   72.229
_cell.angle_alpha   90.00
_cell.angle_beta   115.78
_cell.angle_gamma   90.00
#
_symmetry.space_group_name_H-M   'P 1 21 1'
#
loop_
_entity.id
_entity.type
_entity.pdbx_description
1 polymer 'Thiopurine S-methyltransferase'
2 non-polymer S-ADENOSYL-L-HOMOCYSTEINE
3 non-polymer 9H-purine-6-thiol
4 water water
#
_entity_poly.entity_id   1
_entity_poly.type   'polypeptide(L)'
_entity_poly.pdbx_seq_one_letter_code
;MGSSHHHHHHSSGLVPRGSHMSLDMKEHPDAEVQKNQVLTLEDWKEKWVTRHISFHQEQGHQLLKKHLDTFLKGQSGLRV
FFPLCGKAIEMKWFADRGHTVVGVEISEIGIREFFAEQNLSYTEEPLAEIAGAKVFKSSSGSISLYCCSIFDLPRANIGK
FDRIWDRGALVAINPGDHDRYADIILSLLRKEFQYLVAVLSYDPTKHAGPPFYVPSAELKRLFGTKCSMQCLEEVDALEE
RHKAWGLDYLFEKLYLLTEK
;
_entity_poly.pdbx_strand_id   A,B
#
loop_
_chem_comp.id
_chem_comp.type
_chem_comp.name
_chem_comp.formula
PM6 non-polymer 9H-purine-6-thiol 'C5 H4 N4 S'
#
# COMPACT_ATOMS: atom_id res chain seq x y z
N PRO A 29 -3.73 -3.23 27.59
CA PRO A 29 -2.82 -4.38 27.57
C PRO A 29 -1.51 -4.09 26.83
N ASP A 30 -0.42 -4.68 27.34
CA ASP A 30 0.91 -4.46 26.80
C ASP A 30 0.96 -4.43 25.28
N ALA A 31 0.32 -5.40 24.64
CA ALA A 31 0.40 -5.58 23.20
C ALA A 31 -0.11 -4.38 22.38
N GLU A 32 -0.77 -3.42 23.00
CA GLU A 32 -1.28 -2.33 22.19
C GLU A 32 -0.82 -0.97 22.71
N VAL A 33 0.12 -1.02 23.65
CA VAL A 33 0.77 0.19 24.17
C VAL A 33 1.36 0.98 23.00
N GLN A 34 1.82 0.28 21.96
CA GLN A 34 2.58 0.93 20.88
C GLN A 34 1.75 1.08 19.62
N LYS A 35 0.48 0.69 19.72
CA LYS A 35 -0.39 0.53 18.59
C LYS A 35 -0.37 1.70 17.60
N ASN A 36 -0.18 2.92 18.09
CA ASN A 36 -0.22 4.07 17.19
C ASN A 36 1.14 4.72 16.97
N GLN A 37 2.20 4.10 17.48
CA GLN A 37 3.53 4.63 17.27
C GLN A 37 3.98 4.38 15.85
N VAL A 38 4.61 5.38 15.23
CA VAL A 38 5.07 5.23 13.86
C VAL A 38 6.53 5.73 13.69
N LEU A 39 7.25 5.17 12.72
CA LEU A 39 8.43 5.83 12.20
C LEU A 39 8.14 5.80 10.69
N THR A 40 8.32 6.93 10.01
CA THR A 40 8.05 7.03 8.58
C THR A 40 9.26 6.62 7.72
N LEU A 41 9.03 6.48 6.41
CA LEU A 41 10.12 6.10 5.49
C LEU A 41 11.22 7.12 5.52
N GLU A 42 10.86 8.40 5.70
CA GLU A 42 11.83 9.49 5.68
C GLU A 42 12.65 9.45 6.96
N ASP A 43 12.01 9.15 8.07
CA ASP A 43 12.72 8.93 9.33
C ASP A 43 13.80 7.82 9.18
N TRP A 44 13.44 6.70 8.58
CA TRP A 44 14.45 5.65 8.37
C TRP A 44 15.63 6.10 7.52
N LYS A 45 15.33 6.73 6.39
CA LYS A 45 16.35 7.30 5.52
C LYS A 45 17.28 8.23 6.25
N GLU A 46 16.72 8.99 7.20
CA GLU A 46 17.49 9.95 7.94
C GLU A 46 18.40 9.25 8.92
N LYS A 47 17.96 8.12 9.48
CA LYS A 47 18.83 7.42 10.44
C LYS A 47 20.14 6.99 9.75
N TRP A 48 20.00 6.56 8.50
CA TRP A 48 21.15 6.15 7.66
C TRP A 48 22.05 7.33 7.29
N VAL A 49 21.46 8.43 6.86
CA VAL A 49 22.22 9.67 6.58
C VAL A 49 23.01 10.12 7.79
N THR A 50 22.34 10.18 8.94
CA THR A 50 22.97 10.66 10.16
C THR A 50 23.74 9.58 10.92
N ARG A 51 23.68 8.34 10.46
CA ARG A 51 24.47 7.26 11.07
C ARG A 51 23.91 6.71 12.38
N HIS A 52 22.59 6.80 12.56
CA HIS A 52 21.93 6.16 13.70
C HIS A 52 21.47 4.73 13.32
N ILE A 53 22.43 3.81 13.35
CA ILE A 53 22.25 2.46 12.83
C ILE A 53 22.67 1.41 13.86
N SER A 54 22.28 1.64 15.11
CA SER A 54 22.71 0.77 16.19
C SER A 54 22.17 -0.63 16.00
N PHE A 55 21.15 -0.77 15.15
CA PHE A 55 20.55 -2.07 14.88
C PHE A 55 21.47 -3.07 14.10
N HIS A 56 22.47 -2.56 13.38
CA HIS A 56 23.38 -3.40 12.62
C HIS A 56 24.28 -4.28 13.50
N GLN A 57 24.38 -5.55 13.12
CA GLN A 57 25.21 -6.49 13.81
C GLN A 57 26.37 -6.81 12.90
N GLU A 58 27.50 -6.21 13.23
CA GLU A 58 28.74 -6.31 12.49
C GLU A 58 29.29 -7.72 12.32
N GLN A 59 28.98 -8.62 13.24
CA GLN A 59 29.44 -10.00 13.11
C GLN A 59 28.28 -10.89 12.73
N GLY A 60 27.15 -10.27 12.39
CA GLY A 60 25.96 -11.00 12.03
C GLY A 60 25.27 -11.74 13.17
N HIS A 61 24.05 -12.20 12.88
CA HIS A 61 23.12 -12.80 13.86
C HIS A 61 23.59 -14.18 14.30
N GLN A 62 23.69 -14.37 15.61
CA GLN A 62 24.28 -15.57 16.13
C GLN A 62 23.31 -16.75 16.11
N LEU A 63 22.01 -16.49 16.23
CA LEU A 63 21.05 -17.61 16.20
C LEU A 63 20.88 -18.16 14.78
N LEU A 64 20.84 -17.26 13.80
CA LEU A 64 20.85 -17.72 12.40
C LEU A 64 22.09 -18.59 12.12
N LYS A 65 23.24 -18.14 12.58
CA LYS A 65 24.50 -18.84 12.37
C LYS A 65 24.43 -20.28 12.89
N LYS A 66 23.95 -20.41 14.11
CA LYS A 66 23.73 -21.70 14.73
C LYS A 66 22.73 -22.55 13.96
N HIS A 67 21.70 -21.91 13.38
CA HIS A 67 20.63 -22.66 12.68
C HIS A 67 20.75 -22.75 11.16
N LEU A 68 21.80 -22.18 10.60
CA LEU A 68 21.92 -22.01 9.13
C LEU A 68 21.97 -23.32 8.35
N ASP A 69 22.87 -24.22 8.74
CA ASP A 69 22.98 -25.50 8.05
C ASP A 69 21.62 -26.21 7.97
N THR A 70 20.88 -26.21 9.07
CA THR A 70 19.53 -26.80 9.08
C THR A 70 18.52 -26.05 8.22
N PHE A 71 18.51 -24.71 8.32
CA PHE A 71 17.68 -23.82 7.46
C PHE A 71 17.89 -24.24 6.02
N LEU A 72 19.12 -24.63 5.71
CA LEU A 72 19.53 -24.89 4.33
C LEU A 72 19.76 -26.38 3.99
N LYS A 73 19.64 -27.25 4.99
CA LYS A 73 20.01 -28.67 4.83
C LYS A 73 19.51 -29.30 3.53
N GLY A 74 20.41 -29.90 2.76
CA GLY A 74 20.02 -30.76 1.63
C GLY A 74 19.36 -30.06 0.47
N GLN A 75 19.43 -28.74 0.47
CA GLN A 75 19.02 -28.00 -0.71
C GLN A 75 20.14 -27.12 -1.21
N SER A 76 20.07 -26.80 -2.49
CA SER A 76 21.04 -25.92 -3.06
C SER A 76 20.28 -25.08 -4.07
N GLY A 77 20.75 -23.86 -4.27
CA GLY A 77 20.09 -22.94 -5.20
C GLY A 77 18.74 -22.44 -4.75
N LEU A 78 18.57 -22.16 -3.46
CA LEU A 78 17.30 -21.61 -2.97
C LEU A 78 17.19 -20.12 -3.29
N ARG A 79 15.97 -19.61 -3.28
CA ARG A 79 15.75 -18.18 -3.37
C ARG A 79 15.40 -17.70 -1.97
N VAL A 80 16.17 -16.76 -1.44
CA VAL A 80 16.05 -16.32 -0.07
C VAL A 80 15.70 -14.83 -0.06
N PHE A 81 14.70 -14.46 0.73
CA PHE A 81 14.29 -13.06 0.76
C PHE A 81 14.58 -12.49 2.12
N PHE A 82 15.13 -11.26 2.13
CA PHE A 82 15.46 -10.51 3.33
C PHE A 82 14.65 -9.23 3.39
N PRO A 83 13.52 -9.24 4.10
CA PRO A 83 12.73 -7.98 4.24
C PRO A 83 13.53 -6.91 5.01
N LEU A 84 13.46 -5.65 4.60
CA LEU A 84 14.04 -4.58 5.44
C LEU A 84 15.50 -4.92 5.80
N CYS A 85 16.32 -5.14 4.77
CA CYS A 85 17.61 -5.88 4.91
C CYS A 85 18.76 -5.03 5.43
N GLY A 86 18.60 -3.70 5.33
CA GLY A 86 19.66 -2.80 5.69
C GLY A 86 20.91 -3.24 4.92
N LYS A 87 22.01 -3.39 5.64
CA LYS A 87 23.20 -3.99 5.05
C LYS A 87 23.56 -5.33 5.75
N ALA A 88 22.56 -6.15 6.07
CA ALA A 88 22.74 -7.40 6.80
C ALA A 88 23.79 -8.29 6.15
N ILE A 89 24.80 -8.67 6.94
CA ILE A 89 25.95 -9.33 6.37
C ILE A 89 25.58 -10.76 6.03
N GLU A 90 24.52 -11.27 6.66
CA GLU A 90 24.05 -12.63 6.38
C GLU A 90 23.59 -12.81 4.95
N MET A 91 23.27 -11.72 4.25
CA MET A 91 22.98 -11.89 2.84
C MET A 91 24.18 -12.50 2.10
N LYS A 92 25.39 -12.13 2.51
CA LYS A 92 26.58 -12.69 1.84
C LYS A 92 26.78 -14.17 2.20
N TRP A 93 26.32 -14.59 3.38
CA TRP A 93 26.42 -15.99 3.79
C TRP A 93 25.58 -16.91 2.90
N PHE A 94 24.39 -16.43 2.48
CA PHE A 94 23.55 -17.23 1.60
C PHE A 94 24.09 -17.22 0.19
N ALA A 95 24.47 -16.06 -0.32
CA ALA A 95 24.96 -15.97 -1.70
C ALA A 95 26.24 -16.81 -1.86
N ASP A 96 27.06 -16.82 -0.81
CA ASP A 96 28.30 -17.54 -0.85
C ASP A 96 28.08 -19.03 -0.99
N ARG A 97 26.89 -19.50 -0.63
CA ARG A 97 26.65 -20.92 -0.54
C ARG A 97 25.78 -21.31 -1.69
N GLY A 98 25.64 -20.42 -2.68
CA GLY A 98 25.02 -20.80 -3.96
C GLY A 98 23.54 -20.51 -4.04
N HIS A 99 23.05 -19.71 -3.11
CA HIS A 99 21.63 -19.37 -3.03
C HIS A 99 21.45 -17.96 -3.60
N THR A 100 20.25 -17.69 -4.11
CA THR A 100 19.94 -16.39 -4.71
C THR A 100 19.29 -15.59 -3.61
N VAL A 101 19.70 -14.33 -3.47
CA VAL A 101 19.25 -13.51 -2.36
C VAL A 101 18.58 -12.24 -2.90
N VAL A 102 17.39 -11.93 -2.39
CA VAL A 102 16.69 -10.68 -2.72
C VAL A 102 16.43 -9.95 -1.40
N GLY A 103 16.70 -8.65 -1.40
CA GLY A 103 16.42 -7.83 -0.22
C GLY A 103 15.66 -6.58 -0.64
N VAL A 104 15.03 -5.92 0.33
CA VAL A 104 14.33 -4.66 0.09
C VAL A 104 14.71 -3.72 1.24
N GLU A 105 15.09 -2.52 0.87
CA GLU A 105 15.61 -1.56 1.81
C GLU A 105 15.29 -0.14 1.27
N ILE A 106 14.63 0.69 2.07
CA ILE A 106 14.27 2.03 1.64
C ILE A 106 15.49 2.93 1.37
N SER A 107 16.58 2.71 2.10
CA SER A 107 17.75 3.59 2.04
C SER A 107 18.82 3.17 1.02
N GLU A 108 19.12 4.03 0.06
CA GLU A 108 20.20 3.75 -0.90
C GLU A 108 21.55 3.72 -0.23
N ILE A 109 21.73 4.54 0.80
CA ILE A 109 22.95 4.56 1.57
C ILE A 109 23.27 3.21 2.22
N GLY A 110 22.25 2.59 2.80
CA GLY A 110 22.41 1.24 3.38
C GLY A 110 22.71 0.21 2.32
N ILE A 111 22.02 0.31 1.22
CA ILE A 111 22.27 -0.62 0.10
C ILE A 111 23.69 -0.54 -0.42
N ARG A 112 24.20 0.69 -0.63
CA ARG A 112 25.54 0.88 -1.17
C ARG A 112 26.61 0.49 -0.18
N GLU A 113 26.33 0.70 1.09
CA GLU A 113 27.23 0.28 2.16
C GLU A 113 27.37 -1.23 2.25
N PHE A 114 26.31 -1.98 1.95
CA PHE A 114 26.38 -3.42 2.02
C PHE A 114 27.42 -3.92 1.00
N PHE A 115 27.31 -3.43 -0.22
CA PHE A 115 28.19 -3.77 -1.31
C PHE A 115 29.59 -3.33 -1.05
N ALA A 116 29.80 -2.13 -0.52
CA ALA A 116 31.16 -1.70 -0.20
C ALA A 116 31.75 -2.57 0.94
N GLU A 117 30.93 -2.86 1.94
CA GLU A 117 31.37 -3.64 3.07
C GLU A 117 31.64 -5.09 2.74
N GLN A 118 30.82 -5.65 1.86
CA GLN A 118 30.98 -7.05 1.47
C GLN A 118 31.96 -7.21 0.27
N ASN A 119 32.49 -6.08 -0.20
CA ASN A 119 33.49 -6.05 -1.31
C ASN A 119 32.99 -6.69 -2.61
N LEU A 120 31.80 -6.28 -3.03
CA LEU A 120 31.23 -6.76 -4.28
C LEU A 120 30.87 -5.62 -5.17
N SER A 121 30.97 -5.84 -6.48
CA SER A 121 30.61 -4.87 -7.48
C SER A 121 29.14 -5.02 -7.77
N TYR A 122 28.53 -3.92 -8.19
CA TYR A 122 27.11 -3.91 -8.43
C TYR A 122 26.73 -2.92 -9.51
N THR A 123 25.56 -3.13 -10.09
CA THR A 123 24.98 -2.27 -11.09
C THR A 123 23.75 -1.64 -10.48
N GLU A 124 23.31 -0.52 -11.04
CA GLU A 124 22.14 0.20 -10.53
C GLU A 124 21.22 0.42 -11.70
N GLU A 125 19.94 0.08 -11.52
CA GLU A 125 18.96 0.20 -12.59
C GLU A 125 17.63 0.71 -12.00
N PRO A 126 16.98 1.70 -12.66
CA PRO A 126 15.66 2.17 -12.24
C PRO A 126 14.58 1.09 -12.37
N LEU A 127 13.60 1.11 -11.47
CA LEU A 127 12.42 0.23 -11.58
C LEU A 127 11.30 1.10 -12.13
N ALA A 128 10.74 0.70 -13.27
CA ALA A 128 9.70 1.48 -13.92
C ALA A 128 8.36 1.48 -13.15
N GLU A 129 8.03 0.35 -12.52
CA GLU A 129 6.73 0.22 -11.88
C GLU A 129 6.68 1.01 -10.57
N ILE A 130 7.83 1.46 -10.09
CA ILE A 130 7.89 2.20 -8.85
C ILE A 130 8.70 3.49 -8.99
N ALA A 131 8.03 4.63 -8.85
CA ALA A 131 8.64 5.92 -9.14
C ALA A 131 9.79 6.18 -8.20
N GLY A 132 10.90 6.63 -8.76
CA GLY A 132 12.05 7.00 -7.94
C GLY A 132 12.85 5.82 -7.40
N ALA A 133 12.35 4.59 -7.57
CA ALA A 133 12.97 3.38 -6.99
C ALA A 133 13.98 2.78 -7.95
N LYS A 134 14.84 1.90 -7.44
CA LYS A 134 15.80 1.21 -8.31
C LYS A 134 16.29 -0.06 -7.66
N VAL A 135 16.91 -0.90 -8.48
CA VAL A 135 17.52 -2.14 -8.01
C VAL A 135 19.05 -2.17 -8.20
N PHE A 136 19.75 -2.67 -7.18
CA PHE A 136 21.22 -2.80 -7.15
C PHE A 136 21.49 -4.30 -7.14
N LYS A 137 22.17 -4.82 -8.16
CA LYS A 137 22.44 -6.25 -8.22
C LYS A 137 23.92 -6.48 -8.23
N SER A 138 24.35 -7.51 -7.51
CA SER A 138 25.77 -7.89 -7.57
C SER A 138 26.06 -8.18 -9.04
N SER A 139 27.32 -8.10 -9.42
CA SER A 139 27.69 -8.19 -10.85
C SER A 139 27.25 -9.48 -11.53
N SER A 140 27.21 -10.59 -10.80
CA SER A 140 26.76 -11.86 -11.40
C SER A 140 25.31 -12.23 -11.00
N GLY A 141 24.59 -11.28 -10.40
CA GLY A 141 23.17 -11.45 -10.06
C GLY A 141 22.79 -12.21 -8.78
N SER A 142 23.76 -12.74 -8.03
CA SER A 142 23.45 -13.51 -6.81
C SER A 142 22.67 -12.73 -5.74
N ILE A 143 22.94 -11.43 -5.62
CA ILE A 143 22.26 -10.57 -4.63
C ILE A 143 21.60 -9.39 -5.37
N SER A 144 20.27 -9.23 -5.23
CA SER A 144 19.51 -8.07 -5.75
C SER A 144 18.85 -7.38 -4.61
N LEU A 145 19.13 -6.08 -4.44
CA LEU A 145 18.58 -5.31 -3.34
C LEU A 145 17.73 -4.17 -3.92
N TYR A 146 16.44 -4.22 -3.64
CA TYR A 146 15.43 -3.27 -4.18
C TYR A 146 15.38 -2.06 -3.24
N CYS A 147 15.58 -0.89 -3.80
CA CYS A 147 15.51 0.34 -3.05
C CYS A 147 14.15 0.95 -3.20
N CYS A 148 13.27 0.57 -2.29
CA CYS A 148 11.88 0.98 -2.31
C CYS A 148 11.28 0.51 -1.00
N SER A 149 10.03 0.86 -0.77
CA SER A 149 9.34 0.37 0.39
C SER A 149 8.84 -1.05 0.14
N ILE A 150 8.82 -1.84 1.21
CA ILE A 150 8.30 -3.20 1.09
C ILE A 150 6.85 -3.22 0.68
N PHE A 151 6.10 -2.17 1.03
CA PHE A 151 4.69 -2.10 0.61
C PHE A 151 4.52 -1.86 -0.90
N ASP A 152 5.55 -1.32 -1.55
CA ASP A 152 5.55 -1.10 -2.98
C ASP A 152 6.15 -2.25 -3.78
N LEU A 153 6.92 -3.12 -3.10
CA LEU A 153 7.65 -4.19 -3.73
C LEU A 153 6.80 -5.09 -4.65
N PRO A 154 5.62 -5.51 -4.20
CA PRO A 154 4.77 -6.34 -5.06
C PRO A 154 4.66 -5.93 -6.56
N ARG A 155 4.67 -4.63 -6.84
CA ARG A 155 4.67 -4.08 -8.21
C ARG A 155 5.96 -4.35 -8.96
N ALA A 156 7.04 -4.62 -8.23
CA ALA A 156 8.32 -4.91 -8.86
C ALA A 156 8.44 -6.37 -9.37
N ASN A 157 7.38 -7.15 -9.22
CA ASN A 157 7.35 -8.59 -9.60
C ASN A 157 8.63 -9.37 -9.33
N ILE A 158 8.85 -9.75 -8.08
CA ILE A 158 10.12 -10.37 -7.68
C ILE A 158 10.02 -11.88 -7.52
N GLY A 159 8.87 -12.47 -7.83
CA GLY A 159 8.69 -13.92 -7.76
C GLY A 159 8.48 -14.37 -6.33
N LYS A 160 8.75 -15.64 -6.04
CA LYS A 160 8.42 -16.20 -4.75
C LYS A 160 9.67 -16.83 -4.20
N PHE A 161 9.65 -17.22 -2.94
CA PHE A 161 10.87 -17.65 -2.26
C PHE A 161 10.69 -18.94 -1.48
N ASP A 162 11.79 -19.67 -1.31
CA ASP A 162 11.79 -20.89 -0.56
C ASP A 162 12.05 -20.54 0.87
N ARG A 163 12.69 -19.41 1.10
CA ARG A 163 13.25 -19.10 2.43
C ARG A 163 13.15 -17.62 2.71
N ILE A 164 12.83 -17.25 3.94
CA ILE A 164 12.81 -15.83 4.36
C ILE A 164 13.52 -15.71 5.69
N TRP A 165 14.47 -14.79 5.77
CA TRP A 165 15.07 -14.48 7.02
C TRP A 165 14.60 -13.09 7.46
N ASP A 166 13.97 -13.01 8.64
CA ASP A 166 13.27 -11.81 9.09
C ASP A 166 13.88 -11.48 10.46
N ARG A 167 14.76 -10.49 10.47
CA ARG A 167 15.34 -9.99 11.70
C ARG A 167 15.42 -8.47 11.59
N GLY A 168 15.02 -7.78 12.65
CA GLY A 168 14.98 -6.34 12.58
C GLY A 168 14.07 -5.86 11.46
N ALA A 169 13.08 -6.68 11.08
CA ALA A 169 12.18 -6.39 9.97
C ALA A 169 10.71 -6.32 10.45
N LEU A 170 10.10 -7.46 10.67
CA LEU A 170 8.78 -7.43 11.36
C LEU A 170 8.81 -6.55 12.61
N VAL A 171 9.93 -6.55 13.37
CA VAL A 171 10.04 -5.71 14.56
C VAL A 171 10.30 -4.22 14.26
N ALA A 172 10.53 -3.88 13.00
CA ALA A 172 10.78 -2.45 12.67
C ALA A 172 9.60 -1.78 11.98
N ILE A 173 8.71 -2.59 11.41
CA ILE A 173 7.42 -2.18 10.83
C ILE A 173 6.53 -1.53 11.88
N ASN A 174 5.85 -0.43 11.54
CA ASN A 174 4.98 0.22 12.54
C ASN A 174 3.88 -0.75 12.94
N PRO A 175 3.55 -0.83 14.24
CA PRO A 175 2.47 -1.76 14.61
C PRO A 175 1.23 -1.70 13.71
N GLY A 176 0.85 -0.49 13.29
CA GLY A 176 -0.31 -0.30 12.41
C GLY A 176 -0.23 -1.01 11.07
N ASP A 177 1.01 -1.26 10.59
CA ASP A 177 1.21 -1.92 9.30
C ASP A 177 1.41 -3.46 9.34
N HIS A 178 1.28 -4.06 10.53
CA HIS A 178 1.51 -5.52 10.67
C HIS A 178 0.71 -6.38 9.72
N ASP A 179 -0.58 -6.10 9.59
CA ASP A 179 -1.43 -6.95 8.75
C ASP A 179 -1.03 -6.84 7.28
N ARG A 180 -0.81 -5.61 6.81
CA ARG A 180 -0.28 -5.34 5.45
C ARG A 180 1.05 -6.03 5.20
N TYR A 181 1.99 -5.87 6.15
CA TYR A 181 3.29 -6.54 6.08
C TYR A 181 3.12 -8.05 5.95
N ALA A 182 2.41 -8.65 6.89
CA ALA A 182 2.16 -10.09 6.86
C ALA A 182 1.53 -10.60 5.57
N ASP A 183 0.60 -9.87 4.98
CA ASP A 183 0.10 -10.30 3.67
C ASP A 183 1.16 -10.23 2.57
N ILE A 184 1.99 -9.20 2.60
CA ILE A 184 3.13 -9.17 1.66
C ILE A 184 3.99 -10.46 1.78
N ILE A 185 4.57 -10.67 2.96
CA ILE A 185 5.41 -11.83 3.28
C ILE A 185 4.77 -13.14 2.83
N LEU A 186 3.49 -13.31 3.18
CA LEU A 186 2.79 -14.51 2.78
C LEU A 186 2.65 -14.63 1.26
N SER A 187 2.50 -13.52 0.56
CA SER A 187 2.36 -13.62 -0.90
C SER A 187 3.70 -13.91 -1.61
N LEU A 188 4.81 -13.81 -0.86
CA LEU A 188 6.15 -13.96 -1.40
C LEU A 188 6.68 -15.35 -1.16
N LEU A 189 5.86 -16.20 -0.54
CA LEU A 189 6.28 -17.54 -0.18
C LEU A 189 5.82 -18.58 -1.19
N ARG A 190 6.69 -19.55 -1.44
CA ARG A 190 6.36 -20.73 -2.21
C ARG A 190 5.64 -21.72 -1.29
N LYS A 191 5.02 -22.72 -1.89
CA LYS A 191 4.18 -23.68 -1.14
C LYS A 191 4.97 -24.40 -0.04
N GLU A 192 6.18 -24.86 -0.37
CA GLU A 192 7.09 -25.37 0.64
C GLU A 192 8.07 -24.23 0.94
N PHE A 193 8.35 -24.01 2.22
CA PHE A 193 9.11 -22.83 2.67
C PHE A 193 9.53 -22.98 4.11
N GLN A 194 10.67 -22.37 4.44
CA GLN A 194 11.04 -22.13 5.83
C GLN A 194 11.18 -20.63 6.04
N TYR A 195 10.57 -20.13 7.12
CA TYR A 195 10.49 -18.69 7.41
C TYR A 195 10.93 -18.50 8.85
N LEU A 196 12.14 -17.99 9.01
CA LEU A 196 12.73 -17.70 10.29
C LEU A 196 12.46 -16.24 10.61
N VAL A 197 11.77 -15.98 11.71
CA VAL A 197 11.56 -14.60 12.16
C VAL A 197 12.07 -14.41 13.60
N ALA A 198 12.86 -13.37 13.83
CA ALA A 198 13.39 -13.00 15.16
C ALA A 198 12.66 -11.82 15.79
N VAL A 199 12.10 -12.04 16.98
CA VAL A 199 11.35 -10.99 17.67
C VAL A 199 11.98 -10.68 19.04
N LEU A 200 11.63 -9.50 19.57
CA LEU A 200 12.17 -9.08 20.87
C LEU A 200 11.03 -8.92 21.88
N SER A 201 11.22 -9.49 23.06
CA SER A 201 10.25 -9.24 24.15
C SER A 201 10.87 -8.40 25.27
N TYR A 202 10.20 -7.30 25.56
CA TYR A 202 10.60 -6.36 26.59
C TYR A 202 9.33 -5.62 26.99
N ASP A 203 9.45 -4.72 27.94
CA ASP A 203 8.33 -3.94 28.46
C ASP A 203 8.09 -2.77 27.54
N PRO A 204 6.96 -2.76 26.80
CA PRO A 204 6.61 -1.70 25.81
C PRO A 204 6.40 -0.30 26.37
N THR A 205 6.17 -0.18 27.68
CA THR A 205 5.99 1.10 28.32
C THR A 205 7.33 1.78 28.51
N LYS A 206 8.40 0.99 28.56
CA LYS A 206 9.73 1.52 28.86
C LYS A 206 10.56 1.83 27.61
N HIS A 207 10.01 1.57 26.44
CA HIS A 207 10.65 1.95 25.19
C HIS A 207 9.63 2.08 24.09
N ALA A 208 9.68 3.23 23.42
CA ALA A 208 8.91 3.50 22.20
C ALA A 208 9.69 2.99 21.01
N GLY A 209 9.09 2.08 20.24
CA GLY A 209 9.82 1.35 19.17
C GLY A 209 10.21 2.32 18.08
N PRO A 210 10.98 1.85 17.06
CA PRO A 210 11.56 0.49 16.90
C PRO A 210 12.79 0.23 17.77
N PRO A 211 13.12 -1.04 18.03
CA PRO A 211 12.34 -2.19 17.62
C PRO A 211 11.04 -2.35 18.42
N PHE A 212 9.95 -2.59 17.74
CA PHE A 212 8.66 -2.71 18.40
C PHE A 212 8.52 -4.08 19.04
N TYR A 213 7.60 -4.20 19.99
CA TYR A 213 7.39 -5.41 20.75
C TYR A 213 6.34 -6.21 19.99
N VAL A 214 6.73 -7.40 19.60
CA VAL A 214 5.88 -8.29 18.80
C VAL A 214 5.85 -9.57 19.61
N PRO A 215 4.81 -9.76 20.44
CA PRO A 215 4.68 -10.97 21.22
C PRO A 215 4.37 -12.22 20.38
N SER A 216 4.59 -13.41 20.96
CA SER A 216 4.14 -14.67 20.34
C SER A 216 2.71 -14.64 19.80
N ALA A 217 1.80 -14.04 20.55
CA ALA A 217 0.40 -13.98 20.17
C ALA A 217 0.21 -13.13 18.90
N GLU A 218 1.07 -12.14 18.70
CA GLU A 218 0.90 -11.29 17.50
C GLU A 218 1.31 -12.09 16.28
N LEU A 219 2.45 -12.79 16.41
CA LEU A 219 2.96 -13.71 15.40
C LEU A 219 1.95 -14.75 15.01
N LYS A 220 1.33 -15.39 16.00
CA LYS A 220 0.28 -16.40 15.79
C LYS A 220 -0.89 -15.82 15.00
N ARG A 221 -1.25 -14.58 15.32
CA ARG A 221 -2.43 -13.91 14.74
C ARG A 221 -2.17 -13.54 13.30
N LEU A 222 -0.94 -13.10 12.99
CA LEU A 222 -0.56 -12.77 11.61
C LEU A 222 -0.33 -13.95 10.68
N PHE A 223 0.37 -14.97 11.16
CA PHE A 223 0.74 -16.09 10.31
C PHE A 223 0.14 -17.41 10.72
N GLY A 224 -0.51 -17.47 11.88
CA GLY A 224 -0.95 -18.75 12.45
C GLY A 224 -1.89 -19.59 11.58
N THR A 225 -2.69 -18.94 10.72
CA THR A 225 -3.61 -19.68 9.84
C THR A 225 -2.90 -20.36 8.65
N LYS A 226 -1.91 -19.68 8.09
CA LYS A 226 -1.20 -20.16 6.91
C LYS A 226 0.09 -20.92 7.23
N CYS A 227 0.57 -20.86 8.48
CA CYS A 227 1.86 -21.44 8.85
C CYS A 227 1.80 -22.20 10.15
N SER A 228 2.54 -23.29 10.22
CA SER A 228 2.75 -23.94 11.50
C SER A 228 3.88 -23.15 12.16
N MET A 229 3.87 -23.04 13.47
CA MET A 229 4.89 -22.24 14.13
C MET A 229 5.63 -23.08 15.16
N GLN A 230 6.95 -22.91 15.22
CA GLN A 230 7.77 -23.61 16.17
C GLN A 230 8.77 -22.64 16.80
N CYS A 231 8.78 -22.53 18.12
CA CYS A 231 9.77 -21.69 18.76
C CYS A 231 11.05 -22.47 18.86
N LEU A 232 12.11 -21.98 18.22
CA LEU A 232 13.39 -22.71 18.20
C LEU A 232 14.26 -22.29 19.36
N GLU A 233 14.10 -21.05 19.78
CA GLU A 233 15.00 -20.52 20.73
C GLU A 233 14.45 -19.29 21.43
N GLU A 234 15.05 -19.02 22.58
CA GLU A 234 14.78 -17.83 23.35
C GLU A 234 15.92 -17.57 24.29
N VAL A 235 16.77 -16.64 23.91
CA VAL A 235 17.96 -16.29 24.67
C VAL A 235 17.71 -14.94 25.37
N ASP A 236 18.41 -14.68 26.47
CA ASP A 236 18.39 -13.35 27.12
C ASP A 236 19.24 -12.41 26.29
N ALA A 237 18.70 -11.24 25.93
CA ALA A 237 19.41 -10.36 25.00
C ALA A 237 19.79 -9.02 25.60
N LEU A 238 19.67 -8.86 26.90
CA LEU A 238 19.89 -7.57 27.54
C LEU A 238 21.37 -7.23 27.64
N GLU A 239 21.69 -5.99 27.29
CA GLU A 239 23.04 -5.46 27.39
C GLU A 239 23.03 -3.99 27.76
N GLU A 240 24.20 -3.42 28.02
CA GLU A 240 24.26 -2.06 28.54
C GLU A 240 23.48 -1.05 27.70
N ARG A 241 23.63 -1.13 26.38
CA ARG A 241 22.95 -0.20 25.49
C ARG A 241 21.43 -0.25 25.66
N HIS A 242 20.93 -1.24 26.41
CA HIS A 242 19.50 -1.43 26.60
C HIS A 242 19.01 -0.92 27.94
N LYS A 243 19.87 -1.01 28.95
CA LYS A 243 19.58 -0.40 30.24
C LYS A 243 19.38 1.10 30.02
N ALA A 244 20.06 1.61 28.99
CA ALA A 244 19.98 3.00 28.55
C ALA A 244 18.58 3.40 28.13
N TRP A 245 17.91 2.54 27.37
CA TRP A 245 16.50 2.76 27.02
C TRP A 245 15.61 2.72 28.27
N GLY A 246 16.14 2.14 29.34
CA GLY A 246 15.37 1.92 30.57
C GLY A 246 14.86 0.49 30.64
N LEU A 247 15.55 -0.41 29.94
CA LEU A 247 15.15 -1.82 29.89
C LEU A 247 15.79 -2.59 31.03
N ASP A 248 14.95 -3.28 31.80
CA ASP A 248 15.45 -4.19 32.83
C ASP A 248 15.43 -5.65 32.36
N TYR A 249 14.67 -5.96 31.31
CA TYR A 249 14.79 -7.26 30.64
C TYR A 249 14.69 -7.15 29.12
N LEU A 250 15.21 -8.16 28.42
CA LEU A 250 15.10 -8.25 26.96
C LEU A 250 15.37 -9.68 26.47
N PHE A 251 14.37 -10.34 25.93
CA PHE A 251 14.57 -11.70 25.44
C PHE A 251 14.46 -11.76 23.90
N GLU A 252 15.39 -12.41 23.22
CA GLU A 252 15.26 -12.62 21.78
C GLU A 252 14.67 -14.01 21.51
N LYS A 253 13.68 -14.09 20.62
CA LYS A 253 13.06 -15.36 20.28
C LYS A 253 13.07 -15.57 18.79
N LEU A 254 13.33 -16.81 18.38
CA LEU A 254 13.42 -17.21 16.98
C LEU A 254 12.35 -18.27 16.74
N TYR A 255 11.48 -17.99 15.78
CA TYR A 255 10.39 -18.84 15.41
C TYR A 255 10.64 -19.31 14.01
N LEU A 256 10.41 -20.60 13.79
CA LEU A 256 10.44 -21.19 12.46
C LEU A 256 9.02 -21.41 12.00
N LEU A 257 8.63 -20.83 10.88
CA LEU A 257 7.31 -21.09 10.34
C LEU A 257 7.47 -21.82 9.01
N THR A 258 6.59 -22.77 8.76
CA THR A 258 6.65 -23.65 7.59
C THR A 258 5.22 -23.90 7.11
N GLU A 259 5.06 -24.66 6.04
CA GLU A 259 3.72 -24.96 5.55
C GLU A 259 2.95 -25.84 6.55
N LYS A 260 1.63 -25.83 6.45
CA LYS A 260 0.77 -26.68 7.27
C LYS A 260 0.57 -28.06 6.66
N PRO B 29 -12.29 -17.28 0.31
CA PRO B 29 -13.41 -16.36 0.48
C PRO B 29 -13.50 -15.42 -0.72
N ASP B 30 -14.71 -15.16 -1.18
CA ASP B 30 -14.88 -14.38 -2.40
C ASP B 30 -14.34 -12.95 -2.32
N ALA B 31 -14.05 -12.48 -1.11
CA ALA B 31 -13.34 -11.22 -0.94
C ALA B 31 -11.94 -11.30 -1.56
N GLU B 32 -11.51 -12.52 -1.87
CA GLU B 32 -10.19 -12.75 -2.44
C GLU B 32 -10.21 -13.15 -3.90
N VAL B 33 -11.39 -13.40 -4.46
CA VAL B 33 -11.51 -13.96 -5.81
C VAL B 33 -10.79 -13.11 -6.88
N GLN B 34 -10.82 -11.78 -6.69
CA GLN B 34 -10.36 -10.80 -7.70
C GLN B 34 -9.05 -10.18 -7.29
N LYS B 35 -8.37 -10.80 -6.33
CA LYS B 35 -7.21 -10.19 -5.70
C LYS B 35 -6.05 -9.99 -6.65
N ASN B 36 -5.95 -10.86 -7.65
CA ASN B 36 -4.88 -10.75 -8.62
C ASN B 36 -5.34 -10.12 -9.91
N GLN B 37 -6.61 -9.71 -9.99
CA GLN B 37 -7.12 -9.10 -11.24
C GLN B 37 -6.64 -7.65 -11.39
N VAL B 38 -6.38 -7.25 -12.64
CA VAL B 38 -5.64 -6.03 -12.92
C VAL B 38 -6.18 -5.43 -14.21
N LEU B 39 -6.35 -4.10 -14.23
CA LEU B 39 -6.53 -3.37 -15.48
C LEU B 39 -5.50 -2.24 -15.47
N THR B 40 -4.81 -2.04 -16.58
CA THR B 40 -3.68 -1.14 -16.64
C THR B 40 -4.12 0.30 -16.99
N LEU B 41 -3.26 1.28 -16.80
CA LEU B 41 -3.53 2.66 -17.22
C LEU B 41 -3.82 2.70 -18.72
N GLU B 42 -3.13 1.85 -19.48
CA GLU B 42 -3.29 1.82 -20.93
C GLU B 42 -4.59 1.17 -21.36
N ASP B 43 -5.05 0.17 -20.63
CA ASP B 43 -6.35 -0.43 -20.84
C ASP B 43 -7.49 0.59 -20.63
N TRP B 44 -7.36 1.43 -19.60
CA TRP B 44 -8.37 2.45 -19.34
C TRP B 44 -8.41 3.53 -20.41
N LYS B 45 -7.23 4.01 -20.81
CA LYS B 45 -7.11 4.91 -21.96
C LYS B 45 -7.74 4.32 -23.21
N GLU B 46 -7.61 3.00 -23.38
CA GLU B 46 -8.16 2.38 -24.58
C GLU B 46 -9.65 2.30 -24.54
N LYS B 47 -10.22 1.99 -23.38
CA LYS B 47 -11.67 2.10 -23.24
C LYS B 47 -12.23 3.47 -23.73
N TRP B 48 -11.58 4.58 -23.37
CA TRP B 48 -11.99 5.91 -23.83
C TRP B 48 -11.83 6.13 -25.34
N VAL B 49 -10.67 5.74 -25.87
CA VAL B 49 -10.43 5.81 -27.33
C VAL B 49 -11.49 5.02 -28.09
N THR B 50 -11.72 3.78 -27.67
CA THR B 50 -12.71 2.93 -28.32
C THR B 50 -14.15 3.11 -27.84
N ARG B 51 -14.39 4.04 -26.92
CA ARG B 51 -15.76 4.32 -26.51
C ARG B 51 -16.41 3.17 -25.72
N HIS B 52 -15.64 2.51 -24.87
CA HIS B 52 -16.15 1.49 -23.96
C HIS B 52 -16.23 2.12 -22.58
N ILE B 53 -17.27 2.89 -22.34
CA ILE B 53 -17.33 3.66 -21.09
C ILE B 53 -18.72 3.53 -20.49
N SER B 54 -19.17 2.28 -20.36
CA SER B 54 -20.51 2.01 -19.83
C SER B 54 -20.66 2.43 -18.37
N PHE B 55 -19.54 2.75 -17.70
CA PHE B 55 -19.59 3.22 -16.33
C PHE B 55 -20.25 4.62 -16.17
N HIS B 56 -20.27 5.42 -17.24
CA HIS B 56 -20.74 6.81 -17.17
C HIS B 56 -22.25 6.91 -17.00
N GLN B 57 -22.66 7.78 -16.06
CA GLN B 57 -24.08 8.02 -15.79
C GLN B 57 -24.43 9.42 -16.22
N GLU B 58 -25.10 9.51 -17.37
CA GLU B 58 -25.42 10.77 -18.02
C GLU B 58 -26.36 11.63 -17.19
N GLN B 59 -27.13 10.98 -16.32
CA GLN B 59 -28.11 11.67 -15.49
C GLN B 59 -27.44 12.05 -14.17
N GLY B 60 -26.24 11.51 -13.97
CA GLY B 60 -25.52 11.71 -12.71
C GLY B 60 -26.00 10.79 -11.61
N HIS B 61 -25.26 10.77 -10.50
CA HIS B 61 -25.48 9.79 -9.46
C HIS B 61 -26.71 10.13 -8.59
N GLN B 62 -27.65 9.19 -8.47
CA GLN B 62 -28.92 9.49 -7.82
C GLN B 62 -28.87 9.44 -6.28
N LEU B 63 -27.94 8.67 -5.70
CA LEU B 63 -27.72 8.77 -4.25
C LEU B 63 -26.92 10.03 -3.86
N LEU B 64 -25.96 10.45 -4.70
CA LEU B 64 -25.32 11.73 -4.46
C LEU B 64 -26.36 12.84 -4.49
N LYS B 65 -27.28 12.73 -5.44
CA LYS B 65 -28.26 13.76 -5.64
C LYS B 65 -29.14 13.95 -4.37
N LYS B 66 -29.52 12.83 -3.75
CA LYS B 66 -30.34 12.86 -2.54
C LYS B 66 -29.59 13.29 -1.28
N HIS B 67 -28.26 13.30 -1.38
CA HIS B 67 -27.45 13.56 -0.20
C HIS B 67 -26.62 14.84 -0.31
N LEU B 68 -26.78 15.57 -1.41
CA LEU B 68 -25.94 16.72 -1.71
C LEU B 68 -26.16 17.91 -0.79
N ASP B 69 -27.42 18.26 -0.57
CA ASP B 69 -27.71 19.37 0.33
C ASP B 69 -27.13 19.12 1.71
N THR B 70 -27.27 17.88 2.19
CA THR B 70 -26.71 17.50 3.50
C THR B 70 -25.19 17.44 3.52
N PHE B 71 -24.60 16.88 2.46
CA PHE B 71 -23.14 16.74 2.28
C PHE B 71 -22.50 18.12 2.31
N LEU B 72 -23.23 19.09 1.79
CA LEU B 72 -22.71 20.43 1.67
C LEU B 72 -23.31 21.36 2.72
N LYS B 73 -24.09 20.79 3.64
CA LYS B 73 -24.92 21.59 4.54
C LYS B 73 -24.16 22.71 5.22
N GLY B 74 -24.68 23.91 5.04
CA GLY B 74 -24.18 25.10 5.73
C GLY B 74 -22.97 25.77 5.11
N GLN B 75 -22.07 24.96 4.54
CA GLN B 75 -20.78 25.47 4.07
C GLN B 75 -20.80 26.26 2.75
N SER B 76 -19.69 26.94 2.51
CA SER B 76 -19.55 27.77 1.34
C SER B 76 -18.12 27.64 0.87
N GLY B 77 -17.92 27.42 -0.42
CA GLY B 77 -16.58 27.41 -0.96
C GLY B 77 -15.69 26.30 -0.43
N LEU B 78 -16.24 25.09 -0.42
CA LEU B 78 -15.46 23.91 -0.06
C LEU B 78 -14.53 23.53 -1.20
N ARG B 79 -13.42 22.89 -0.86
CA ARG B 79 -12.57 22.25 -1.86
C ARG B 79 -12.95 20.77 -1.94
N VAL B 80 -13.44 20.33 -3.09
CA VAL B 80 -13.94 18.98 -3.29
C VAL B 80 -13.08 18.21 -4.30
N PHE B 81 -12.66 17.00 -3.93
CA PHE B 81 -11.85 16.11 -4.81
C PHE B 81 -12.69 14.99 -5.40
N PHE B 82 -12.48 14.69 -6.69
CA PHE B 82 -13.10 13.58 -7.37
C PHE B 82 -11.99 12.66 -7.87
N PRO B 83 -11.68 11.61 -7.12
CA PRO B 83 -10.74 10.56 -7.64
C PRO B 83 -11.25 9.83 -8.89
N LEU B 84 -10.41 9.66 -9.91
CA LEU B 84 -10.84 8.80 -11.04
C LEU B 84 -12.12 9.33 -11.66
N CYS B 85 -12.10 10.63 -12.02
CA CYS B 85 -13.37 11.37 -12.24
C CYS B 85 -14.09 11.10 -13.57
N GLY B 86 -13.36 10.63 -14.59
CA GLY B 86 -13.95 10.40 -15.89
C GLY B 86 -14.53 11.72 -16.37
N LYS B 87 -15.77 11.70 -16.87
CA LYS B 87 -16.48 12.97 -17.16
C LYS B 87 -17.71 13.19 -16.25
N ALA B 88 -17.58 12.84 -14.97
CA ALA B 88 -18.69 12.79 -14.06
C ALA B 88 -19.41 14.12 -14.06
N ILE B 89 -20.70 14.11 -14.37
CA ILE B 89 -21.40 15.38 -14.47
C ILE B 89 -21.48 16.10 -13.13
N GLU B 90 -21.33 15.35 -12.04
CA GLU B 90 -21.53 15.92 -10.68
C GLU B 90 -20.51 17.00 -10.34
N MET B 91 -19.36 16.98 -11.04
CA MET B 91 -18.36 18.00 -10.79
C MET B 91 -18.94 19.36 -11.10
N LYS B 92 -19.78 19.41 -12.11
CA LYS B 92 -20.49 20.66 -12.45
C LYS B 92 -21.51 21.06 -11.37
N TRP B 93 -22.16 20.09 -10.72
CA TRP B 93 -23.10 20.45 -9.62
C TRP B 93 -22.39 21.24 -8.50
N PHE B 94 -21.20 20.79 -8.11
CA PHE B 94 -20.40 21.39 -7.04
C PHE B 94 -19.87 22.76 -7.48
N ALA B 95 -19.30 22.84 -8.67
CA ALA B 95 -18.79 24.09 -9.19
C ALA B 95 -19.90 25.11 -9.36
N ASP B 96 -21.11 24.66 -9.65
CA ASP B 96 -22.20 25.59 -9.86
C ASP B 96 -22.56 26.25 -8.55
N ARG B 97 -22.27 25.57 -7.44
CA ARG B 97 -22.64 26.02 -6.10
C ARG B 97 -21.51 26.69 -5.36
N GLY B 98 -20.46 27.06 -6.09
CA GLY B 98 -19.40 27.89 -5.55
C GLY B 98 -18.27 27.14 -4.89
N HIS B 99 -18.24 25.84 -5.10
CA HIS B 99 -17.21 25.01 -4.47
C HIS B 99 -16.14 24.78 -5.52
N THR B 100 -14.91 24.57 -5.05
CA THR B 100 -13.74 24.36 -5.90
C THR B 100 -13.50 22.89 -6.11
N VAL B 101 -13.35 22.50 -7.37
CA VAL B 101 -13.42 21.10 -7.79
C VAL B 101 -12.09 20.70 -8.40
N VAL B 102 -11.50 19.65 -7.85
CA VAL B 102 -10.31 19.05 -8.44
C VAL B 102 -10.65 17.58 -8.76
N GLY B 103 -10.27 17.11 -9.94
CA GLY B 103 -10.48 15.73 -10.32
C GLY B 103 -9.17 15.14 -10.84
N VAL B 104 -9.05 13.83 -10.84
CA VAL B 104 -7.91 13.18 -11.48
C VAL B 104 -8.43 12.06 -12.38
N GLU B 105 -7.89 12.03 -13.62
CA GLU B 105 -8.38 11.17 -14.69
C GLU B 105 -7.22 10.87 -15.67
N ILE B 106 -6.90 9.58 -15.87
CA ILE B 106 -5.78 9.21 -16.71
C ILE B 106 -6.01 9.52 -18.19
N SER B 107 -7.27 9.53 -18.59
CA SER B 107 -7.63 9.78 -19.97
C SER B 107 -7.86 11.25 -20.34
N GLU B 108 -6.92 11.82 -21.09
CA GLU B 108 -7.17 13.11 -21.74
C GLU B 108 -8.51 13.19 -22.54
N ILE B 109 -8.92 12.10 -23.18
CA ILE B 109 -10.21 12.03 -23.91
C ILE B 109 -11.41 12.34 -23.00
N GLY B 110 -11.49 11.59 -21.88
CA GLY B 110 -12.58 11.74 -20.92
C GLY B 110 -12.61 13.16 -20.44
N ILE B 111 -11.44 13.68 -20.12
CA ILE B 111 -11.35 15.06 -19.65
C ILE B 111 -11.88 16.10 -20.64
N ARG B 112 -11.51 16.01 -21.92
CA ARG B 112 -11.98 17.00 -22.88
C ARG B 112 -13.48 16.81 -23.07
N GLU B 113 -13.92 15.56 -22.95
CA GLU B 113 -15.31 15.25 -23.11
C GLU B 113 -16.13 15.94 -22.03
N PHE B 114 -15.58 16.02 -20.83
CA PHE B 114 -16.32 16.62 -19.72
C PHE B 114 -16.55 18.08 -20.06
N PHE B 115 -15.49 18.80 -20.42
CA PHE B 115 -15.62 20.24 -20.66
C PHE B 115 -16.55 20.46 -21.84
N ALA B 116 -16.40 19.63 -22.86
CA ALA B 116 -17.29 19.69 -24.03
C ALA B 116 -18.77 19.48 -23.64
N GLU B 117 -19.05 18.47 -22.83
CA GLU B 117 -20.41 18.15 -22.45
C GLU B 117 -21.01 19.14 -21.48
N GLN B 118 -20.17 19.71 -20.62
CA GLN B 118 -20.64 20.65 -19.64
C GLN B 118 -20.69 22.08 -20.21
N ASN B 119 -20.24 22.22 -21.45
CA ASN B 119 -20.22 23.52 -22.12
C ASN B 119 -19.37 24.60 -21.44
N LEU B 120 -18.17 24.19 -21.01
CA LEU B 120 -17.19 25.04 -20.39
C LEU B 120 -15.92 25.19 -21.23
N SER B 121 -15.41 26.41 -21.28
CA SER B 121 -14.10 26.65 -21.86
C SER B 121 -13.01 26.29 -20.85
N TYR B 122 -11.85 25.94 -21.36
CA TYR B 122 -10.78 25.48 -20.51
C TYR B 122 -9.39 25.74 -21.10
N THR B 123 -8.41 25.85 -20.21
CA THR B 123 -7.03 25.94 -20.61
C THR B 123 -6.29 24.64 -20.27
N GLU B 124 -5.19 24.41 -20.98
CA GLU B 124 -4.34 23.23 -20.79
C GLU B 124 -2.90 23.60 -20.40
N GLU B 125 -2.39 22.99 -19.33
CA GLU B 125 -1.03 23.25 -18.84
C GLU B 125 -0.23 21.97 -18.54
N PRO B 126 1.03 21.88 -19.02
CA PRO B 126 1.90 20.75 -18.66
C PRO B 126 2.24 20.76 -17.19
N LEU B 127 2.17 19.58 -16.55
CA LEU B 127 2.55 19.44 -15.15
C LEU B 127 4.01 19.08 -15.08
N ALA B 128 4.83 20.02 -14.64
CA ALA B 128 6.27 19.83 -14.66
C ALA B 128 6.73 18.57 -13.95
N GLU B 129 6.05 18.23 -12.86
CA GLU B 129 6.57 17.26 -11.90
C GLU B 129 6.18 15.82 -12.23
N ILE B 130 5.37 15.65 -13.27
CA ILE B 130 4.98 14.33 -13.78
C ILE B 130 5.10 14.35 -15.30
N ALA B 131 6.00 13.54 -15.83
CA ALA B 131 6.26 13.51 -17.27
C ALA B 131 5.02 13.15 -18.07
N GLY B 132 4.81 13.87 -19.17
CA GLY B 132 3.66 13.64 -20.04
C GLY B 132 2.34 14.16 -19.48
N ALA B 133 2.30 14.52 -18.21
CA ALA B 133 1.04 14.92 -17.56
C ALA B 133 0.65 16.37 -17.86
N LYS B 134 -0.66 16.67 -17.77
CA LYS B 134 -1.26 17.98 -18.05
C LYS B 134 -2.35 18.24 -17.03
N VAL B 135 -2.68 19.52 -16.84
CA VAL B 135 -3.80 19.91 -16.01
C VAL B 135 -4.68 20.81 -16.84
N PHE B 136 -5.97 20.50 -16.84
CA PHE B 136 -6.97 21.22 -17.61
C PHE B 136 -7.86 21.98 -16.63
N LYS B 137 -7.95 23.30 -16.81
CA LYS B 137 -8.71 24.12 -15.87
C LYS B 137 -9.79 24.87 -16.59
N SER B 138 -10.97 24.93 -15.98
CA SER B 138 -12.00 25.77 -16.57
C SER B 138 -11.41 27.18 -16.59
N SER B 139 -11.95 28.03 -17.46
CA SER B 139 -11.39 29.38 -17.64
C SER B 139 -11.38 30.33 -16.45
N SER B 140 -12.27 30.12 -15.46
CA SER B 140 -12.23 30.96 -14.26
C SER B 140 -11.68 30.20 -13.06
N GLY B 141 -11.21 28.97 -13.30
CA GLY B 141 -10.57 28.15 -12.27
C GLY B 141 -11.42 27.29 -11.35
N SER B 142 -12.74 27.27 -11.53
CA SER B 142 -13.60 26.48 -10.64
C SER B 142 -13.35 24.96 -10.69
N ILE B 143 -12.96 24.47 -11.87
CA ILE B 143 -12.74 23.03 -12.05
C ILE B 143 -11.33 22.73 -12.61
N SER B 144 -10.60 21.83 -11.96
CA SER B 144 -9.23 21.49 -12.35
C SER B 144 -9.09 19.99 -12.43
N LEU B 145 -8.84 19.50 -13.64
CA LEU B 145 -8.79 18.09 -13.91
C LEU B 145 -7.34 17.71 -14.25
N TYR B 146 -6.72 16.91 -13.41
CA TYR B 146 -5.35 16.50 -13.61
C TYR B 146 -5.33 15.25 -14.51
N CYS B 147 -4.62 15.34 -15.64
CA CYS B 147 -4.51 14.22 -16.53
C CYS B 147 -3.22 13.47 -16.16
N CYS B 148 -3.39 12.51 -15.26
CA CYS B 148 -2.29 11.70 -14.76
C CYS B 148 -2.86 10.55 -13.93
N SER B 149 -2.01 9.66 -13.45
CA SER B 149 -2.46 8.58 -12.56
C SER B 149 -2.67 9.12 -11.16
N ILE B 150 -3.69 8.64 -10.45
CA ILE B 150 -3.86 9.07 -9.07
C ILE B 150 -2.66 8.71 -8.19
N PHE B 151 -1.93 7.68 -8.58
CA PHE B 151 -0.77 7.28 -7.77
C PHE B 151 0.39 8.25 -7.95
N ASP B 152 0.39 9.00 -9.06
CA ASP B 152 1.44 9.99 -9.32
C ASP B 152 1.09 11.39 -8.78
N LEU B 153 -0.20 11.60 -8.55
CA LEU B 153 -0.75 12.90 -8.16
C LEU B 153 -0.15 13.57 -6.90
N PRO B 154 0.34 12.78 -5.91
CA PRO B 154 1.06 13.46 -4.81
C PRO B 154 2.32 14.25 -5.23
N ARG B 155 2.89 13.94 -6.39
CA ARG B 155 4.04 14.70 -6.92
C ARG B 155 3.61 16.06 -7.41
N ALA B 156 2.32 16.21 -7.70
CA ALA B 156 1.78 17.48 -8.18
C ALA B 156 1.37 18.40 -7.04
N ASN B 157 1.45 17.88 -5.81
CA ASN B 157 1.16 18.65 -4.58
C ASN B 157 -0.06 19.57 -4.65
N ILE B 158 -1.23 18.97 -4.77
CA ILE B 158 -2.47 19.71 -5.01
C ILE B 158 -3.20 20.14 -3.72
N GLY B 159 -2.57 19.92 -2.57
CA GLY B 159 -3.17 20.35 -1.30
C GLY B 159 -4.16 19.36 -0.75
N LYS B 160 -5.08 19.83 0.10
CA LYS B 160 -5.99 18.95 0.80
C LYS B 160 -7.38 19.44 0.56
N PHE B 161 -8.37 18.65 0.97
CA PHE B 161 -9.76 18.89 0.61
C PHE B 161 -10.70 18.75 1.80
N ASP B 162 -11.82 19.45 1.74
CA ASP B 162 -12.87 19.31 2.74
C ASP B 162 -13.81 18.16 2.39
N ARG B 163 -13.98 17.89 1.10
CA ARG B 163 -14.88 16.83 0.70
C ARG B 163 -14.26 15.99 -0.39
N ILE B 164 -14.66 14.73 -0.46
CA ILE B 164 -14.26 13.82 -1.52
C ILE B 164 -15.48 13.04 -1.94
N TRP B 165 -15.73 12.98 -3.24
CA TRP B 165 -16.80 12.13 -3.76
C TRP B 165 -16.13 10.95 -4.50
N ASP B 166 -16.40 9.73 -4.07
CA ASP B 166 -15.71 8.54 -4.59
C ASP B 166 -16.81 7.60 -5.13
N ARG B 167 -17.06 7.63 -6.44
CA ARG B 167 -17.83 6.56 -7.06
C ARG B 167 -17.19 6.17 -8.37
N GLY B 168 -17.24 4.89 -8.71
CA GLY B 168 -16.55 4.38 -9.86
C GLY B 168 -15.06 4.51 -9.67
N ALA B 169 -14.65 4.77 -8.44
CA ALA B 169 -13.26 5.13 -8.21
C ALA B 169 -12.56 4.08 -7.37
N LEU B 170 -12.80 4.06 -6.07
CA LEU B 170 -12.41 2.90 -5.29
C LEU B 170 -12.77 1.53 -5.92
N VAL B 171 -13.95 1.41 -6.55
CA VAL B 171 -14.31 0.15 -7.18
C VAL B 171 -13.63 -0.08 -8.55
N ALA B 172 -12.82 0.87 -9.03
CA ALA B 172 -12.24 0.74 -10.39
C ALA B 172 -10.77 0.48 -10.25
N ILE B 173 -10.25 0.85 -9.09
CA ILE B 173 -8.89 0.59 -8.68
C ILE B 173 -8.67 -0.93 -8.61
N ASN B 174 -7.52 -1.39 -9.13
CA ASN B 174 -7.16 -2.80 -9.03
C ASN B 174 -7.11 -3.24 -7.56
N PRO B 175 -7.72 -4.40 -7.23
CA PRO B 175 -7.67 -4.81 -5.81
C PRO B 175 -6.30 -4.73 -5.18
N GLY B 176 -5.26 -4.95 -5.99
CA GLY B 176 -3.92 -5.02 -5.48
C GLY B 176 -3.44 -3.65 -5.05
N ASP B 177 -4.16 -2.60 -5.47
CA ASP B 177 -3.77 -1.22 -5.14
C ASP B 177 -4.62 -0.54 -4.07
N HIS B 178 -5.56 -1.26 -3.45
CA HIS B 178 -6.37 -0.66 -2.38
C HIS B 178 -5.61 0.10 -1.28
N ASP B 179 -4.56 -0.50 -0.74
CA ASP B 179 -3.85 0.09 0.38
C ASP B 179 -3.18 1.40 -0.04
N ARG B 180 -2.48 1.36 -1.16
CA ARG B 180 -1.84 2.55 -1.72
C ARG B 180 -2.85 3.66 -2.05
N TYR B 181 -3.95 3.30 -2.70
CA TYR B 181 -5.03 4.24 -2.96
C TYR B 181 -5.59 4.86 -1.66
N ALA B 182 -5.85 4.03 -0.66
CA ALA B 182 -6.33 4.51 0.66
C ALA B 182 -5.35 5.47 1.33
N ASP B 183 -4.06 5.19 1.22
CA ASP B 183 -3.09 6.14 1.78
C ASP B 183 -3.16 7.48 1.05
N ILE B 184 -3.25 7.43 -0.30
CA ILE B 184 -3.33 8.67 -1.05
C ILE B 184 -4.59 9.42 -0.61
N ILE B 185 -5.74 8.74 -0.63
CA ILE B 185 -6.98 9.39 -0.25
C ILE B 185 -6.82 10.08 1.12
N LEU B 186 -6.36 9.32 2.12
CA LEU B 186 -6.17 9.87 3.46
C LEU B 186 -5.20 11.08 3.54
N SER B 187 -4.18 11.10 2.71
CA SER B 187 -3.26 12.24 2.64
C SER B 187 -3.92 13.49 2.08
N LEU B 188 -5.04 13.31 1.38
CA LEU B 188 -5.69 14.43 0.71
C LEU B 188 -6.75 15.09 1.54
N LEU B 189 -7.00 14.57 2.75
CA LEU B 189 -8.12 15.00 3.56
C LEU B 189 -7.69 16.03 4.59
N ARG B 190 -8.50 17.07 4.72
CA ARG B 190 -8.27 18.06 5.76
C ARG B 190 -8.68 17.48 7.11
N LYS B 191 -8.42 18.21 8.18
CA LYS B 191 -8.60 17.66 9.53
C LYS B 191 -10.05 17.25 9.74
N GLU B 192 -10.97 18.14 9.34
CA GLU B 192 -12.38 17.82 9.25
C GLU B 192 -12.77 17.63 7.79
N PHE B 193 -13.55 16.59 7.50
CA PHE B 193 -13.86 16.26 6.12
C PHE B 193 -15.10 15.42 6.08
N GLN B 194 -15.66 15.30 4.88
CA GLN B 194 -16.68 14.30 4.59
C GLN B 194 -16.27 13.58 3.33
N TYR B 195 -16.19 12.25 3.42
CA TYR B 195 -15.76 11.41 2.30
C TYR B 195 -16.92 10.47 2.01
N LEU B 196 -17.59 10.66 0.88
CA LEU B 196 -18.72 9.83 0.48
C LEU B 196 -18.19 8.80 -0.50
N VAL B 197 -18.45 7.52 -0.27
CA VAL B 197 -17.91 6.45 -1.14
C VAL B 197 -18.96 5.44 -1.52
N ALA B 198 -19.11 5.17 -2.82
CA ALA B 198 -20.09 4.23 -3.35
C ALA B 198 -19.39 2.92 -3.75
N VAL B 199 -19.87 1.81 -3.18
CA VAL B 199 -19.37 0.48 -3.53
C VAL B 199 -20.51 -0.44 -3.99
N LEU B 200 -20.18 -1.58 -4.58
CA LEU B 200 -21.17 -2.47 -5.18
C LEU B 200 -21.03 -3.91 -4.65
N SER B 201 -22.13 -4.51 -4.20
CA SER B 201 -22.08 -5.87 -3.75
C SER B 201 -22.65 -6.74 -4.84
N TYR B 202 -21.84 -7.69 -5.28
CA TYR B 202 -22.23 -8.71 -6.26
C TYR B 202 -21.30 -9.89 -6.07
N ASP B 203 -21.56 -10.97 -6.80
CA ASP B 203 -20.78 -12.19 -6.68
C ASP B 203 -19.55 -12.17 -7.61
N PRO B 204 -18.33 -12.03 -7.03
CA PRO B 204 -17.08 -11.82 -7.78
C PRO B 204 -16.71 -12.95 -8.72
N THR B 205 -17.18 -14.17 -8.43
CA THR B 205 -16.99 -15.31 -9.33
C THR B 205 -17.75 -15.12 -10.65
N LYS B 206 -18.84 -14.35 -10.62
CA LYS B 206 -19.64 -14.15 -11.84
C LYS B 206 -19.14 -13.02 -12.74
N HIS B 207 -18.25 -12.17 -12.24
CA HIS B 207 -17.79 -11.04 -13.03
C HIS B 207 -16.38 -10.70 -12.68
N ALA B 208 -15.56 -10.58 -13.72
CA ALA B 208 -14.19 -10.11 -13.58
C ALA B 208 -14.24 -8.61 -13.79
N GLY B 209 -14.02 -7.84 -12.72
CA GLY B 209 -14.28 -6.40 -12.71
C GLY B 209 -13.32 -5.72 -13.64
N PRO B 210 -13.27 -4.37 -13.64
CA PRO B 210 -14.06 -3.38 -12.87
C PRO B 210 -15.52 -3.36 -13.34
N PRO B 211 -16.44 -2.91 -12.45
CA PRO B 211 -16.08 -2.48 -11.12
C PRO B 211 -15.79 -3.70 -10.27
N PHE B 212 -14.77 -3.62 -9.44
CA PHE B 212 -14.42 -4.70 -8.55
C PHE B 212 -15.33 -4.71 -7.35
N TYR B 213 -15.51 -5.92 -6.80
CA TYR B 213 -16.20 -6.15 -5.53
C TYR B 213 -15.42 -5.63 -4.35
N VAL B 214 -16.01 -4.68 -3.64
CA VAL B 214 -15.41 -4.06 -2.47
C VAL B 214 -16.43 -4.18 -1.37
N PRO B 215 -16.24 -5.19 -0.49
CA PRO B 215 -17.18 -5.43 0.63
C PRO B 215 -17.03 -4.40 1.74
N SER B 216 -18.06 -4.26 2.58
CA SER B 216 -17.99 -3.39 3.76
C SER B 216 -16.77 -3.64 4.60
N ALA B 217 -16.40 -4.91 4.76
CA ALA B 217 -15.21 -5.28 5.53
C ALA B 217 -13.95 -4.63 4.95
N GLU B 218 -13.90 -4.54 3.61
CA GLU B 218 -12.69 -4.01 2.96
C GLU B 218 -12.56 -2.49 3.15
N LEU B 219 -13.70 -1.80 3.03
CA LEU B 219 -13.78 -0.39 3.35
C LEU B 219 -13.34 -0.13 4.78
N LYS B 220 -13.81 -0.95 5.71
CA LYS B 220 -13.45 -0.78 7.11
C LYS B 220 -11.95 -1.01 7.32
N ARG B 221 -11.41 -2.01 6.66
CA ARG B 221 -9.99 -2.31 6.79
C ARG B 221 -9.12 -1.16 6.27
N LEU B 222 -9.60 -0.47 5.23
CA LEU B 222 -8.82 0.61 4.59
C LEU B 222 -8.83 1.95 5.31
N PHE B 223 -10.01 2.34 5.81
CA PHE B 223 -10.25 3.67 6.32
C PHE B 223 -10.67 3.64 7.80
N GLY B 224 -11.02 2.46 8.31
CA GLY B 224 -11.62 2.29 9.64
C GLY B 224 -10.87 2.86 10.83
N THR B 225 -9.55 2.77 10.83
CA THR B 225 -8.79 3.32 11.96
C THR B 225 -8.65 4.85 11.93
N LYS B 226 -8.85 5.43 10.75
CA LYS B 226 -8.68 6.87 10.61
C LYS B 226 -10.01 7.63 10.57
N CYS B 227 -11.08 6.94 10.16
CA CYS B 227 -12.38 7.60 9.94
C CYS B 227 -13.52 6.91 10.68
N SER B 228 -14.49 7.73 11.09
CA SER B 228 -15.77 7.19 11.49
C SER B 228 -16.51 6.71 10.23
N MET B 229 -17.36 5.70 10.33
CA MET B 229 -18.02 5.17 9.14
C MET B 229 -19.50 4.98 9.36
N GLN B 230 -20.29 5.36 8.36
CA GLN B 230 -21.73 5.30 8.49
C GLN B 230 -22.30 4.89 7.18
N CYS B 231 -23.00 3.77 7.15
CA CYS B 231 -23.69 3.39 5.95
C CYS B 231 -24.96 4.23 5.74
N LEU B 232 -25.04 4.95 4.63
CA LEU B 232 -26.21 5.79 4.38
C LEU B 232 -27.35 5.12 3.64
N GLU B 233 -27.02 4.30 2.66
CA GLU B 233 -28.02 3.74 1.76
C GLU B 233 -27.51 2.38 1.33
N GLU B 234 -28.41 1.40 1.22
CA GLU B 234 -28.12 0.19 0.49
C GLU B 234 -29.28 -0.10 -0.42
N VAL B 235 -29.08 0.10 -1.71
CA VAL B 235 -30.14 -0.19 -2.64
C VAL B 235 -29.75 -1.30 -3.61
N ASP B 236 -30.76 -2.04 -4.02
CA ASP B 236 -30.71 -2.99 -5.11
C ASP B 236 -30.53 -2.18 -6.40
N ALA B 237 -29.48 -2.46 -7.15
CA ALA B 237 -29.22 -1.69 -8.35
C ALA B 237 -29.05 -2.55 -9.59
N LEU B 238 -29.49 -3.81 -9.52
CA LEU B 238 -29.33 -4.77 -10.62
C LEU B 238 -30.20 -4.36 -11.80
N GLU B 239 -29.60 -4.31 -13.00
CA GLU B 239 -30.38 -4.12 -14.22
C GLU B 239 -30.00 -5.11 -15.32
N GLU B 240 -30.41 -4.81 -16.56
CA GLU B 240 -30.31 -5.73 -17.68
C GLU B 240 -28.89 -5.80 -18.25
N ARG B 241 -28.16 -4.71 -18.12
CA ARG B 241 -26.75 -4.67 -18.49
C ARG B 241 -25.94 -5.64 -17.62
N HIS B 242 -26.29 -5.70 -16.35
CA HIS B 242 -25.60 -6.56 -15.38
C HIS B 242 -26.12 -7.98 -15.41
N LYS B 243 -27.33 -8.14 -15.93
CA LYS B 243 -27.93 -9.44 -16.11
C LYS B 243 -27.27 -10.10 -17.31
N ALA B 244 -26.59 -9.28 -18.11
CA ALA B 244 -25.77 -9.77 -19.19
C ALA B 244 -24.34 -9.99 -18.70
N TRP B 245 -23.96 -9.29 -17.62
CA TRP B 245 -22.71 -9.62 -16.91
C TRP B 245 -22.76 -11.02 -16.31
N GLY B 246 -23.97 -11.57 -16.21
CA GLY B 246 -24.19 -12.86 -15.56
C GLY B 246 -24.45 -12.74 -14.06
N LEU B 247 -24.72 -11.51 -13.60
CA LEU B 247 -25.03 -11.26 -12.18
C LEU B 247 -26.50 -11.50 -11.86
N ASP B 248 -26.76 -12.23 -10.77
CA ASP B 248 -28.12 -12.41 -10.22
C ASP B 248 -28.55 -11.34 -9.20
N TYR B 249 -27.59 -10.71 -8.53
CA TYR B 249 -27.90 -9.59 -7.64
C TYR B 249 -26.82 -8.54 -7.77
N LEU B 250 -27.15 -7.31 -7.42
CA LEU B 250 -26.17 -6.25 -7.38
C LEU B 250 -26.76 -5.14 -6.56
N PHE B 251 -26.14 -4.89 -5.42
CA PHE B 251 -26.49 -3.85 -4.48
C PHE B 251 -25.43 -2.77 -4.46
N GLU B 252 -25.87 -1.52 -4.56
CA GLU B 252 -25.02 -0.35 -4.31
C GLU B 252 -25.21 0.18 -2.89
N LYS B 253 -24.10 0.42 -2.20
CA LYS B 253 -24.09 0.97 -0.86
C LYS B 253 -23.27 2.25 -0.80
N LEU B 254 -23.80 3.24 -0.11
CA LEU B 254 -23.14 4.53 0.08
C LEU B 254 -22.75 4.68 1.54
N TYR B 255 -21.47 5.01 1.76
CA TYR B 255 -20.87 5.22 3.09
C TYR B 255 -20.45 6.66 3.20
N LEU B 256 -20.65 7.20 4.40
CA LEU B 256 -20.13 8.50 4.76
C LEU B 256 -18.97 8.32 5.72
N LEU B 257 -17.80 8.81 5.32
CA LEU B 257 -16.66 8.78 6.23
C LEU B 257 -16.35 10.18 6.68
N THR B 258 -16.03 10.31 7.96
CA THR B 258 -15.76 11.62 8.57
C THR B 258 -14.68 11.35 9.62
N GLU B 259 -14.19 12.40 10.27
CA GLU B 259 -13.09 12.26 11.22
C GLU B 259 -13.45 11.43 12.47
N LYS B 260 -12.45 10.78 13.05
CA LYS B 260 -12.60 10.13 14.36
C LYS B 260 -13.32 10.98 15.42
N SAH C . 17.30 -6.18 8.79
CA SAH C . 18.50 -5.34 9.01
CB SAH C . 18.16 -3.86 9.33
CG SAH C . 17.31 -3.69 10.59
SD SAH C . 16.62 -1.98 10.76
C SAH C . 19.44 -5.85 10.10
O SAH C . 19.21 -6.91 10.74
OXT SAH C . 20.45 -5.17 10.35
C5' SAH C . 15.25 -1.92 9.56
C4' SAH C . 15.67 -1.46 8.12
O4' SAH C . 14.50 -1.39 7.27
C3' SAH C . 16.29 -0.06 8.09
O3' SAH C . 17.42 -0.22 7.26
C2' SAH C . 15.29 0.84 7.34
O2' SAH C . 16.03 1.72 6.48
C1' SAH C . 14.53 -0.14 6.48
N9 SAH C . 13.07 0.07 6.36
C8 SAH C . 12.24 0.49 7.32
N7 SAH C . 11.01 0.50 6.83
C5 SAH C . 11.03 0.03 5.58
C6 SAH C . 10.08 -0.15 4.58
N6 SAH C . 8.74 0.08 4.71
N1 SAH C . 10.54 -0.60 3.42
C2 SAH C . 11.81 -0.85 3.17
N3 SAH C . 12.72 -0.65 4.09
C4 SAH C . 12.36 -0.21 5.29
N9 PM6 D . 17.63 -3.91 17.64
C4 PM6 D . 17.16 -2.88 16.93
N3 PM6 D . 17.23 -1.55 17.09
C2 PM6 D . 16.67 -0.74 16.20
N1 PM6 D . 16.02 -1.19 15.15
C6 PM6 D . 15.91 -2.51 14.95
C5 PM6 D . 16.50 -3.40 15.85
N7 PM6 D . 16.56 -4.73 15.93
C8 PM6 D . 17.26 -5.03 17.03
S6 PM6 D . 15.06 -3.12 13.57
N9 PM6 E . 14.76 -27.54 13.15
C4 PM6 E . 14.72 -26.97 11.94
N3 PM6 E . 14.16 -27.33 10.77
C2 PM6 E . 14.28 -26.53 9.72
N1 PM6 E . 14.96 -25.39 9.78
C6 PM6 E . 15.55 -24.98 10.91
C5 PM6 E . 15.44 -25.77 12.03
N7 PM6 E . 15.90 -25.65 13.28
C8 PM6 E . 15.47 -26.74 13.95
S6 PM6 E . 16.42 -23.47 10.99
N SAH F . -15.79 8.45 -11.65
CA SAH F . -16.31 8.37 -13.03
CB SAH F . -15.60 7.31 -13.88
CG SAH F . -15.66 5.88 -13.33
SD SAH F . -14.63 4.73 -14.36
C SAH F . -17.82 8.12 -13.10
O SAH F . -18.45 7.87 -12.07
OXT SAH F . -18.42 8.17 -14.19
C5' SAH F . -12.97 5.04 -13.70
C4' SAH F . -12.19 6.16 -14.37
O4' SAH F . -10.92 5.96 -13.80
C3' SAH F . -12.02 5.89 -15.88
O3' SAH F . -12.41 7.06 -16.58
C2' SAH F . -10.51 5.60 -16.04
O2' SAH F . -9.95 6.17 -17.24
C1' SAH F . -9.91 6.24 -14.80
N9 SAH F . -8.77 5.61 -14.11
C8 SAH F . -8.54 4.32 -13.88
N7 SAH F . -7.39 4.19 -13.18
C5 SAH F . -6.90 5.42 -12.96
C6 SAH F . -5.79 5.92 -12.32
N6 SAH F . -4.91 5.10 -11.74
N1 SAH F . -5.59 7.25 -12.29
C2 SAH F . -6.44 8.05 -12.85
N3 SAH F . -7.52 7.61 -13.48
C4 SAH F . -7.77 6.31 -13.55
N9 PM6 G . -20.88 0.49 -13.33
C4 PM6 G . -19.98 1.08 -12.58
N3 PM6 G . -20.06 1.83 -11.46
C2 PM6 G . -18.96 2.31 -10.90
N1 PM6 G . -17.76 2.07 -11.41
C6 PM6 G . -17.61 1.33 -12.52
C5 PM6 G . -18.75 0.82 -13.13
N7 PM6 G . -18.94 0.07 -14.21
C8 PM6 G . -20.24 -0.13 -14.33
S6 PM6 G . -16.02 1.01 -13.20
N9 PM6 H . -27.18 12.37 6.44
C4 PM6 H . -25.97 12.90 6.25
N3 PM6 H . -25.08 13.47 7.08
C2 PM6 H . -23.92 13.91 6.60
N1 PM6 H . -23.60 13.81 5.32
C6 PM6 H . -24.46 13.25 4.45
C5 PM6 H . -25.68 12.78 4.91
N7 PM6 H . -26.70 12.20 4.32
C8 PM6 H . -27.63 11.94 5.26
S6 PM6 H . -24.07 13.10 2.77
#